data_4YQ8
#
_entry.id   4YQ8
#
_cell.length_a   93.605
_cell.length_b   93.605
_cell.length_c   177.916
_cell.angle_alpha   90.000
_cell.angle_beta   90.000
_cell.angle_gamma   120.000
#
_symmetry.space_group_name_H-M   'H 3 2'
#
loop_
_entity.id
_entity.type
_entity.pdbx_description
1 polymer 'tRNA (guanine-N(1)-)-methyltransferase'
2 non-polymer 4-amino-N-[(1R,3S)-3-hydroxycyclopentyl]-1,2,5-oxadiazole-3-carboxamide
3 water water
#
_entity_poly.entity_id   1
_entity_poly.type   'polypeptide(L)'
_entity_poly.pdbx_seq_one_letter_code
;GLVPRGSHMWIGVISLFPEMFKAITEFGVTGRAVKHNLLKVECWNPRDFTFDKHKTVDDRPYGGGPGMLMMVQPLRDAIH
TAKAAAGEGAKVIYLSPQGRKLDQGGVTELAQNQKLILVCGRYEGIDERLIQTEIDEEWSIGDYVLTGGELPAMTLIDAV
ARFIPGVLGKQASAEEDSFADGLLDCPHYTRPEVLEGLTVPPVLMSGHHEEIRKWRLKQSLQRTWLRRPELLEGLALTDE
QRKLLKEAQAEHNS
;
_entity_poly.pdbx_strand_id   A
#
# COMPACT_ATOMS: atom_id res chain seq x y z
C GLY A 6 8.03 -14.42 11.87
N SER A 7 7.69 -14.12 10.63
CA SER A 7 8.58 -13.36 9.76
C SER A 7 8.49 -11.87 10.05
N HIS A 8 9.19 -11.45 11.11
CA HIS A 8 9.28 -10.06 11.52
C HIS A 8 9.55 -9.12 10.34
N MET A 9 9.00 -7.92 10.40
CA MET A 9 9.31 -6.91 9.40
C MET A 9 9.69 -5.60 10.09
N TRP A 10 10.79 -5.00 9.63
CA TRP A 10 11.24 -3.73 10.16
C TRP A 10 11.13 -2.66 9.08
N ILE A 11 10.51 -1.54 9.42
CA ILE A 11 10.35 -0.47 8.45
C ILE A 11 10.83 0.84 9.03
N GLY A 12 11.90 1.38 8.45
CA GLY A 12 12.41 2.68 8.83
C GLY A 12 11.68 3.74 8.03
N VAL A 13 11.37 4.86 8.67
CA VAL A 13 10.62 5.92 7.99
C VAL A 13 11.33 7.25 8.16
N ILE A 14 11.49 7.97 7.04
CA ILE A 14 12.04 9.32 7.07
C ILE A 14 10.91 10.29 6.77
N SER A 15 10.54 11.10 7.76
CA SER A 15 9.38 11.97 7.63
C SER A 15 9.46 13.21 8.52
N LEU A 16 9.00 14.33 7.98
CA LEU A 16 8.90 15.58 8.74
C LEU A 16 7.73 15.54 9.73
N PHE A 17 6.87 14.53 9.59
CA PHE A 17 5.68 14.41 10.43
C PHE A 17 5.51 12.98 10.95
N PRO A 18 6.46 12.52 11.76
CA PRO A 18 6.47 11.15 12.27
C PRO A 18 5.19 10.81 13.05
N GLU A 19 4.54 11.80 13.65
CA GLU A 19 3.33 11.55 14.43
C GLU A 19 2.16 11.07 13.57
N MET A 20 2.20 11.33 12.26
CA MET A 20 1.15 10.83 11.37
C MET A 20 1.09 9.30 11.41
N PHE A 21 2.23 8.67 11.66
CA PHE A 21 2.29 7.21 11.59
C PHE A 21 1.61 6.53 12.79
N LYS A 22 1.26 7.31 13.80
CA LYS A 22 0.39 6.80 14.87
C LYS A 22 -0.90 6.22 14.30
N ALA A 23 -1.32 6.71 13.13
CA ALA A 23 -2.54 6.22 12.51
C ALA A 23 -2.46 4.71 12.23
N ILE A 24 -1.28 4.21 11.91
CA ILE A 24 -1.19 2.77 11.68
C ILE A 24 -0.52 2.02 12.85
N THR A 25 0.32 2.70 13.64
CA THR A 25 1.00 1.99 14.73
C THR A 25 0.16 1.90 16.00
N GLU A 26 -0.92 2.68 16.11
CA GLU A 26 -1.72 2.68 17.32
C GLU A 26 -3.13 2.11 17.17
N PHE A 27 -3.54 1.77 15.95
CA PHE A 27 -4.93 1.37 15.71
C PHE A 27 -5.07 0.14 14.82
N GLY A 28 -6.11 -0.64 15.10
CA GLY A 28 -6.52 -1.71 14.22
C GLY A 28 -5.53 -2.85 14.12
N VAL A 29 -5.61 -3.57 13.01
CA VAL A 29 -4.75 -4.72 12.76
C VAL A 29 -3.28 -4.36 12.78
N THR A 30 -2.94 -3.23 12.16
CA THR A 30 -1.54 -2.81 12.11
C THR A 30 -1.06 -2.38 13.49
N GLY A 31 -1.94 -1.76 14.27
CA GLY A 31 -1.60 -1.37 15.64
C GLY A 31 -1.30 -2.60 16.49
N ARG A 32 -2.09 -3.65 16.29
CA ARG A 32 -1.84 -4.89 17.01
C ARG A 32 -0.52 -5.53 16.58
N ALA A 33 -0.26 -5.53 15.27
CA ALA A 33 0.99 -6.06 14.72
C ALA A 33 2.21 -5.40 15.37
N VAL A 34 2.13 -4.08 15.55
CA VAL A 34 3.22 -3.34 16.17
C VAL A 34 3.36 -3.71 17.64
N LYS A 35 2.24 -3.73 18.37
CA LYS A 35 2.27 -4.04 19.79
C LYS A 35 2.81 -5.44 20.06
N HIS A 36 2.53 -6.37 19.14
CA HIS A 36 3.00 -7.75 19.28
C HIS A 36 4.39 -7.97 18.66
N ASN A 37 5.05 -6.89 18.25
CA ASN A 37 6.41 -6.97 17.70
C ASN A 37 6.50 -7.80 16.42
N LEU A 38 5.39 -7.90 15.69
CA LEU A 38 5.40 -8.54 14.37
C LEU A 38 5.90 -7.54 13.33
N LEU A 39 5.57 -6.27 13.59
CA LEU A 39 5.96 -5.16 12.74
C LEU A 39 6.61 -4.10 13.60
N LYS A 40 7.76 -3.61 13.17
CA LYS A 40 8.42 -2.51 13.86
C LYS A 40 8.53 -1.33 12.90
N VAL A 41 8.03 -0.18 13.34
CA VAL A 41 8.11 1.03 12.55
C VAL A 41 8.93 2.06 13.33
N GLU A 42 10.01 2.53 12.71
CA GLU A 42 10.94 3.44 13.36
C GLU A 42 11.12 4.69 12.52
N CYS A 43 10.89 5.86 13.12
CA CYS A 43 10.86 7.12 12.38
C CYS A 43 12.05 8.03 12.68
N TRP A 44 12.62 8.62 11.63
CA TRP A 44 13.62 9.68 11.75
C TRP A 44 13.09 10.94 11.08
N ASN A 45 13.24 12.07 11.76
CA ASN A 45 12.74 13.36 11.30
C ASN A 45 13.91 14.27 10.88
N PRO A 46 13.98 14.64 9.59
CA PRO A 46 15.04 15.54 9.12
C PRO A 46 15.20 16.80 9.97
N ARG A 47 14.11 17.26 10.59
CA ARG A 47 14.20 18.46 11.41
CA ARG A 47 14.17 18.45 11.44
C ARG A 47 15.18 18.26 12.56
N ASP A 48 15.33 17.01 13.01
CA ASP A 48 16.28 16.70 14.08
C ASP A 48 17.74 16.73 13.61
N PHE A 49 17.94 16.79 12.30
CA PHE A 49 19.29 16.78 11.74
C PHE A 49 19.69 18.14 11.20
N THR A 50 18.89 19.16 11.49
CA THR A 50 19.23 20.54 11.14
C THR A 50 20.20 21.11 12.16
N PHE A 51 20.89 22.18 11.78
CA PHE A 51 21.83 22.84 12.70
C PHE A 51 21.54 24.33 12.86
N ASP A 52 20.68 24.89 12.01
CA ASP A 52 20.42 26.32 12.12
C ASP A 52 19.37 26.57 13.21
N LYS A 53 19.31 27.80 13.69
CA LYS A 53 18.44 28.17 14.80
C LYS A 53 16.97 27.84 14.53
N HIS A 54 16.54 28.01 13.30
CA HIS A 54 15.12 27.83 13.00
C HIS A 54 14.82 26.46 12.40
N LYS A 55 15.81 25.57 12.43
CA LYS A 55 15.60 24.17 12.04
C LYS A 55 14.96 24.06 10.65
N THR A 56 15.63 24.65 9.67
CA THR A 56 15.10 24.76 8.32
C THR A 56 15.19 23.44 7.59
N VAL A 57 14.07 22.97 7.03
CA VAL A 57 14.06 21.68 6.35
C VAL A 57 13.68 21.79 4.87
N ASP A 58 13.44 23.00 4.38
CA ASP A 58 13.17 23.19 2.95
C ASP A 58 14.21 24.11 2.32
N ASP A 59 14.21 24.18 0.99
CA ASP A 59 15.22 24.96 0.26
C ASP A 59 14.67 25.30 -1.12
N ARG A 60 15.23 26.34 -1.73
CA ARG A 60 14.73 26.84 -3.01
C ARG A 60 15.26 26.02 -4.18
N PRO A 61 14.41 25.77 -5.17
CA PRO A 61 14.84 24.99 -6.33
C PRO A 61 15.71 25.81 -7.28
N TYR A 62 16.81 25.23 -7.75
CA TYR A 62 17.56 25.86 -8.83
C TYR A 62 16.62 25.98 -10.02
N GLY A 63 16.74 27.07 -10.76
CA GLY A 63 15.89 27.31 -11.92
C GLY A 63 14.67 28.14 -11.59
N GLY A 64 14.44 28.37 -10.30
CA GLY A 64 13.32 29.18 -9.86
C GLY A 64 11.99 28.47 -9.97
N GLY A 65 10.93 29.25 -10.16
CA GLY A 65 9.59 28.71 -10.19
C GLY A 65 9.02 28.63 -8.79
N PRO A 66 7.69 28.54 -8.67
CA PRO A 66 7.06 28.46 -7.35
C PRO A 66 7.37 27.14 -6.67
N GLY A 67 7.25 27.12 -5.34
CA GLY A 67 7.42 25.89 -4.61
C GLY A 67 8.82 25.69 -4.05
N MET A 68 8.91 24.83 -3.04
CA MET A 68 10.18 24.54 -2.39
C MET A 68 10.49 23.05 -2.50
N LEU A 69 11.73 22.69 -2.21
CA LEU A 69 12.10 21.28 -2.12
C LEU A 69 12.55 20.97 -0.71
N MET A 70 12.63 19.69 -0.38
CA MET A 70 13.23 19.33 0.89
CA MET A 70 13.26 19.25 0.86
C MET A 70 14.72 19.68 0.86
N MET A 71 15.20 20.23 1.97
CA MET A 71 16.61 20.61 2.05
C MET A 71 17.46 19.35 2.04
N VAL A 72 18.54 19.35 1.27
CA VAL A 72 19.33 18.13 1.08
C VAL A 72 20.02 17.63 2.34
N GLN A 73 20.74 18.50 3.05
CA GLN A 73 21.61 18.05 4.14
C GLN A 73 20.84 17.35 5.28
N PRO A 74 19.76 17.96 5.78
CA PRO A 74 19.03 17.31 6.87
C PRO A 74 18.42 15.97 6.43
N LEU A 75 17.90 15.92 5.21
CA LEU A 75 17.25 14.73 4.69
C LEU A 75 18.28 13.63 4.45
N ARG A 76 19.39 14.01 3.84
CA ARG A 76 20.48 13.08 3.59
C ARG A 76 21.01 12.49 4.89
N ASP A 77 21.22 13.33 5.89
CA ASP A 77 21.72 12.84 7.17
C ASP A 77 20.71 11.90 7.84
N ALA A 78 19.42 12.22 7.72
CA ALA A 78 18.38 11.36 8.29
C ALA A 78 18.41 9.98 7.63
N ILE A 79 18.51 9.98 6.31
CA ILE A 79 18.56 8.73 5.56
C ILE A 79 19.76 7.89 5.97
N HIS A 80 20.94 8.51 6.06
CA HIS A 80 22.14 7.79 6.44
C HIS A 80 21.99 7.16 7.83
N THR A 81 21.35 7.89 8.74
CA THR A 81 21.14 7.39 10.08
C THR A 81 20.20 6.18 10.07
N ALA A 82 19.14 6.26 9.29
CA ALA A 82 18.21 5.14 9.15
C ALA A 82 18.92 3.92 8.56
N LYS A 83 19.78 4.15 7.57
CA LYS A 83 20.51 3.06 6.93
C LYS A 83 21.44 2.38 7.93
N ALA A 84 22.07 3.18 8.79
CA ALA A 84 22.97 2.65 9.79
C ALA A 84 22.23 1.78 10.79
N ALA A 85 21.05 2.23 11.22
CA ALA A 85 20.22 1.47 12.14
C ALA A 85 19.72 0.18 11.50
N ALA A 86 19.46 0.23 10.19
CA ALA A 86 18.85 -0.90 9.50
C ALA A 86 19.83 -2.05 9.33
N GLY A 87 21.11 -1.72 9.21
CA GLY A 87 22.12 -2.71 8.94
C GLY A 87 22.03 -3.17 7.50
N GLU A 88 22.60 -4.33 7.21
CA GLU A 88 22.65 -4.83 5.83
C GLU A 88 21.30 -5.33 5.33
N GLY A 89 21.05 -5.12 4.04
CA GLY A 89 19.90 -5.71 3.38
C GLY A 89 18.60 -4.93 3.43
N ALA A 90 18.68 -3.64 3.71
CA ALA A 90 17.47 -2.80 3.70
C ALA A 90 17.29 -2.14 2.34
N LYS A 91 16.10 -2.27 1.78
CA LYS A 91 15.78 -1.62 0.52
C LYS A 91 15.22 -0.24 0.78
N VAL A 92 15.82 0.78 0.19
CA VAL A 92 15.39 2.17 0.40
C VAL A 92 14.41 2.60 -0.68
N ILE A 93 13.21 3.01 -0.25
CA ILE A 93 12.14 3.33 -1.18
C ILE A 93 11.71 4.79 -1.06
N TYR A 94 11.56 5.45 -2.19
CA TYR A 94 11.02 6.79 -2.22
C TYR A 94 9.62 6.75 -2.80
N LEU A 95 8.64 7.27 -2.07
CA LEU A 95 7.27 7.29 -2.57
C LEU A 95 7.05 8.53 -3.42
N SER A 96 6.64 8.36 -4.67
CA SER A 96 6.36 9.50 -5.53
C SER A 96 5.57 9.10 -6.76
N PRO A 97 4.90 10.07 -7.39
CA PRO A 97 4.09 9.82 -8.59
C PRO A 97 4.93 9.37 -9.78
N GLN A 98 6.25 9.56 -9.70
CA GLN A 98 7.14 9.14 -10.78
C GLN A 98 7.57 7.69 -10.61
N GLY A 99 7.11 7.05 -9.53
CA GLY A 99 7.55 5.70 -9.23
C GLY A 99 6.76 4.62 -9.94
N ARG A 100 7.21 3.38 -9.77
CA ARG A 100 6.46 2.22 -10.24
C ARG A 100 5.10 2.18 -9.58
N LYS A 101 4.06 1.94 -10.38
CA LYS A 101 2.70 1.90 -9.87
C LYS A 101 2.50 0.70 -8.95
N LEU A 102 2.08 0.96 -7.72
CA LEU A 102 1.82 -0.13 -6.77
C LEU A 102 0.55 -0.89 -7.12
N ASP A 103 0.64 -2.22 -7.14
CA ASP A 103 -0.54 -3.08 -7.18
C ASP A 103 -0.26 -4.28 -6.27
N GLN A 104 -1.22 -5.20 -6.17
CA GLN A 104 -1.09 -6.29 -5.19
C GLN A 104 0.12 -7.17 -5.51
N GLY A 105 0.41 -7.35 -6.79
CA GLY A 105 1.61 -8.07 -7.20
C GLY A 105 2.85 -7.36 -6.69
N GLY A 106 2.84 -6.03 -6.78
CA GLY A 106 3.96 -5.24 -6.30
C GLY A 106 4.05 -5.30 -4.78
N VAL A 107 2.90 -5.34 -4.11
CA VAL A 107 2.87 -5.46 -2.66
C VAL A 107 3.52 -6.77 -2.19
N THR A 108 3.20 -7.86 -2.86
N THR A 108 3.19 -7.86 -2.86
CA THR A 108 3.74 -9.16 -2.50
CA THR A 108 3.73 -9.17 -2.53
C THR A 108 5.26 -9.19 -2.68
C THR A 108 5.25 -9.19 -2.68
N GLU A 109 5.75 -8.52 -3.72
CA GLU A 109 7.19 -8.42 -3.96
C GLU A 109 7.90 -7.64 -2.84
N LEU A 110 7.32 -6.50 -2.48
CA LEU A 110 7.87 -5.67 -1.41
C LEU A 110 7.83 -6.38 -0.07
N ALA A 111 6.79 -7.19 0.13
CA ALA A 111 6.61 -7.91 1.39
C ALA A 111 7.68 -8.98 1.60
N GLN A 112 8.45 -9.27 0.55
CA GLN A 112 9.51 -10.27 0.66
C GLN A 112 10.73 -9.70 1.39
N ASN A 113 10.76 -8.37 1.53
CA ASN A 113 11.87 -7.71 2.23
C ASN A 113 11.68 -7.75 3.74
N GLN A 114 12.74 -8.11 4.46
CA GLN A 114 12.70 -8.13 5.92
C GLN A 114 12.86 -6.72 6.47
N LYS A 115 13.57 -5.87 5.73
CA LYS A 115 13.79 -4.48 6.12
C LYS A 115 13.49 -3.54 4.97
N LEU A 116 12.74 -2.48 5.26
CA LEU A 116 12.50 -1.42 4.29
C LEU A 116 12.80 -0.07 4.93
N ILE A 117 13.27 0.87 4.14
CA ILE A 117 13.36 2.26 4.57
C ILE A 117 12.50 3.08 3.62
N LEU A 118 11.56 3.84 4.17
CA LEU A 118 10.62 4.61 3.34
C LEU A 118 10.89 6.09 3.49
N VAL A 119 11.21 6.76 2.38
CA VAL A 119 11.47 8.19 2.43
C VAL A 119 10.23 8.94 1.98
N CYS A 120 9.73 9.81 2.87
CA CYS A 120 8.51 10.57 2.57
C CYS A 120 8.84 11.99 2.15
N GLY A 121 8.50 12.32 0.91
CA GLY A 121 8.75 13.66 0.41
C GLY A 121 7.68 14.63 0.87
N ARG A 122 8.05 15.90 0.98
CA ARG A 122 7.09 16.98 1.20
C ARG A 122 7.41 18.09 0.21
N TYR A 123 6.59 19.13 0.18
CA TYR A 123 6.78 20.24 -0.75
C TYR A 123 6.80 19.70 -2.17
N GLU A 124 7.67 20.22 -3.02
CA GLU A 124 7.67 19.78 -4.42
C GLU A 124 8.47 18.50 -4.62
N GLY A 125 9.09 18.01 -3.55
CA GLY A 125 9.80 16.74 -3.61
C GLY A 125 11.24 16.84 -3.13
N ILE A 126 12.08 15.91 -3.56
CA ILE A 126 13.48 15.87 -3.13
C ILE A 126 14.43 16.00 -4.32
N ASP A 127 15.67 16.36 -4.01
CA ASP A 127 16.69 16.54 -5.03
C ASP A 127 16.89 15.26 -5.85
N GLU A 128 16.88 15.39 -7.16
CA GLU A 128 17.05 14.24 -8.07
C GLU A 128 18.33 13.45 -7.76
N ARG A 129 19.36 14.12 -7.31
CA ARG A 129 20.63 13.44 -7.04
C ARG A 129 20.57 12.56 -5.81
N LEU A 130 19.67 12.88 -4.88
CA LEU A 130 19.44 12.01 -3.73
C LEU A 130 18.75 10.72 -4.17
N ILE A 131 17.84 10.84 -5.14
CA ILE A 131 17.19 9.67 -5.69
C ILE A 131 18.25 8.78 -6.33
N GLN A 132 19.16 9.39 -7.09
CA GLN A 132 20.23 8.65 -7.74
C GLN A 132 21.17 7.98 -6.74
N THR A 133 21.49 8.64 -5.64
CA THR A 133 22.55 8.17 -4.76
C THR A 133 22.05 7.41 -3.52
N GLU A 134 20.79 7.61 -3.13
CA GLU A 134 20.33 7.04 -1.87
C GLU A 134 19.14 6.09 -2.03
N ILE A 135 18.41 6.21 -3.14
CA ILE A 135 17.16 5.48 -3.28
C ILE A 135 17.33 4.23 -4.16
N ASP A 136 16.82 3.10 -3.67
CA ASP A 136 16.90 1.86 -4.42
C ASP A 136 15.75 1.77 -5.41
N GLU A 137 14.54 2.05 -4.96
CA GLU A 137 13.37 1.98 -5.83
C GLU A 137 12.42 3.14 -5.59
N GLU A 138 11.78 3.59 -6.66
CA GLU A 138 10.74 4.61 -6.56
C GLU A 138 9.38 3.97 -6.85
N TRP A 139 8.42 4.16 -5.94
CA TRP A 139 7.07 3.58 -6.07
C TRP A 139 5.98 4.64 -5.95
N SER A 140 4.90 4.47 -6.70
CA SER A 140 3.71 5.32 -6.57
C SER A 140 2.51 4.51 -6.11
N ILE A 141 1.70 5.07 -5.22
CA ILE A 141 0.48 4.37 -4.80
C ILE A 141 -0.68 4.67 -5.75
N GLY A 142 -0.49 5.63 -6.65
CA GLY A 142 -1.53 5.94 -7.61
C GLY A 142 -1.28 7.23 -8.38
N ASP A 143 -1.97 7.38 -9.51
CA ASP A 143 -1.78 8.54 -10.38
C ASP A 143 -2.61 9.74 -9.92
N TYR A 144 -2.32 10.20 -8.70
CA TYR A 144 -2.93 11.40 -8.14
C TYR A 144 -1.88 12.10 -7.28
N VAL A 145 -2.10 13.37 -6.95
CA VAL A 145 -1.08 14.15 -6.27
C VAL A 145 -1.50 14.48 -4.85
N LEU A 146 -0.60 14.20 -3.91
CA LEU A 146 -0.85 14.42 -2.49
C LEU A 146 0.06 15.50 -1.92
N THR A 147 -0.17 15.87 -0.67
CA THR A 147 0.61 16.92 -0.03
C THR A 147 1.90 16.37 0.56
N GLY A 148 2.00 15.05 0.64
CA GLY A 148 3.21 14.44 1.18
C GLY A 148 3.25 12.96 0.94
N GLY A 149 4.43 12.37 1.13
CA GLY A 149 4.59 10.94 0.92
C GLY A 149 4.18 10.07 2.11
N GLU A 150 3.71 10.70 3.18
CA GLU A 150 3.41 9.95 4.41
C GLU A 150 2.21 9.01 4.23
N LEU A 151 1.16 9.50 3.59
CA LEU A 151 -0.01 8.64 3.39
C LEU A 151 0.34 7.47 2.46
N PRO A 152 1.07 7.75 1.37
CA PRO A 152 1.58 6.64 0.55
C PRO A 152 2.43 5.64 1.33
N ALA A 153 3.32 6.12 2.19
CA ALA A 153 4.16 5.24 3.00
C ALA A 153 3.30 4.37 3.92
N MET A 154 2.33 4.98 4.58
CA MET A 154 1.47 4.24 5.49
C MET A 154 0.64 3.22 4.74
N THR A 155 0.17 3.61 3.56
CA THR A 155 -0.58 2.73 2.68
C THR A 155 0.26 1.49 2.34
N LEU A 156 1.51 1.73 1.96
CA LEU A 156 2.42 0.65 1.62
C LEU A 156 2.66 -0.25 2.84
N ILE A 157 2.91 0.36 3.99
CA ILE A 157 3.11 -0.40 5.22
C ILE A 157 1.90 -1.27 5.54
N ASP A 158 0.71 -0.69 5.45
CA ASP A 158 -0.51 -1.43 5.74
C ASP A 158 -0.65 -2.64 4.81
N ALA A 159 -0.40 -2.42 3.52
CA ALA A 159 -0.58 -3.48 2.53
C ALA A 159 0.40 -4.63 2.76
N VAL A 160 1.68 -4.31 3.01
CA VAL A 160 2.67 -5.37 3.20
C VAL A 160 2.48 -6.07 4.56
N ALA A 161 2.01 -5.33 5.54
CA ALA A 161 1.79 -5.89 6.88
C ALA A 161 0.86 -7.09 6.84
N ARG A 162 -0.10 -7.07 5.92
CA ARG A 162 -1.07 -8.16 5.81
C ARG A 162 -0.38 -9.49 5.46
N PHE A 163 0.85 -9.42 4.96
CA PHE A 163 1.59 -10.63 4.58
C PHE A 163 2.46 -11.18 5.70
N ILE A 164 2.54 -10.46 6.81
CA ILE A 164 3.31 -10.93 7.95
C ILE A 164 2.52 -11.98 8.70
N PRO A 165 3.13 -13.14 8.95
CA PRO A 165 2.46 -14.21 9.70
C PRO A 165 1.99 -13.74 11.06
N GLY A 166 0.73 -13.98 11.39
CA GLY A 166 0.19 -13.60 12.68
C GLY A 166 -0.56 -12.30 12.67
N VAL A 167 -0.37 -11.50 11.61
CA VAL A 167 -1.02 -10.19 11.56
C VAL A 167 -2.50 -10.32 11.26
N LEU A 168 -2.84 -11.15 10.28
CA LEU A 168 -4.24 -11.43 9.99
C LEU A 168 -4.68 -12.65 10.80
N GLY A 169 -5.94 -12.64 11.24
CA GLY A 169 -6.47 -13.73 12.04
C GLY A 169 -6.75 -14.98 11.23
CA SER A 178 -11.10 -12.22 -4.00
C SER A 178 -10.16 -11.17 -4.59
N PHE A 179 -8.98 -11.63 -5.00
CA PHE A 179 -7.99 -10.78 -5.66
C PHE A 179 -6.72 -11.59 -5.93
N ALA A 180 -6.46 -12.56 -5.05
CA ALA A 180 -5.29 -13.43 -5.18
C ALA A 180 -5.34 -14.24 -6.46
N ASP A 181 -6.50 -14.25 -7.11
CA ASP A 181 -6.61 -14.81 -8.45
C ASP A 181 -6.88 -13.69 -9.46
N GLY A 182 -6.73 -12.46 -8.99
CA GLY A 182 -6.76 -11.28 -9.85
C GLY A 182 -8.13 -10.68 -10.09
N LEU A 183 -9.12 -11.11 -9.31
CA LEU A 183 -10.50 -10.69 -9.52
C LEU A 183 -10.99 -9.74 -8.44
N LEU A 184 -12.01 -8.94 -8.77
CA LEU A 184 -12.71 -8.16 -7.74
C LEU A 184 -13.42 -9.10 -6.77
N ASP A 185 -13.71 -8.58 -5.59
CA ASP A 185 -14.37 -9.36 -4.53
C ASP A 185 -15.84 -9.63 -4.88
N CYS A 186 -16.39 -10.69 -4.29
CA CYS A 186 -17.82 -10.95 -4.39
C CYS A 186 -18.58 -10.10 -3.38
N PRO A 187 -19.89 -9.92 -3.59
CA PRO A 187 -20.75 -9.24 -2.63
C PRO A 187 -20.81 -10.00 -1.31
N HIS A 188 -20.90 -9.26 -0.20
CA HIS A 188 -20.98 -9.87 1.12
C HIS A 188 -22.29 -9.49 1.79
N TYR A 189 -22.82 -10.42 2.59
CA TYR A 189 -24.09 -10.19 3.28
C TYR A 189 -23.99 -10.62 4.73
N THR A 190 -24.60 -9.85 5.62
CA THR A 190 -24.72 -10.22 7.02
C THR A 190 -26.15 -9.88 7.47
N ARG A 191 -26.43 -10.01 8.76
CA ARG A 191 -27.79 -9.77 9.27
C ARG A 191 -28.19 -8.32 8.99
N PRO A 192 -29.49 -8.07 8.77
CA PRO A 192 -30.63 -9.01 8.82
C PRO A 192 -30.87 -9.70 7.49
N GLU A 193 -31.80 -10.65 7.48
CA GLU A 193 -32.09 -11.41 6.28
C GLU A 193 -32.72 -10.51 5.21
N VAL A 194 -33.50 -9.52 5.65
CA VAL A 194 -34.10 -8.56 4.73
C VAL A 194 -33.78 -7.14 5.17
N LEU A 195 -33.26 -6.34 4.24
CA LEU A 195 -32.87 -4.97 4.54
C LEU A 195 -33.41 -4.00 3.50
N GLU A 196 -34.32 -3.13 3.93
CA GLU A 196 -35.05 -2.24 3.03
C GLU A 196 -35.61 -2.99 1.82
N GLY A 197 -36.24 -4.13 2.07
CA GLY A 197 -36.86 -4.92 1.01
C GLY A 197 -35.90 -5.82 0.27
N LEU A 198 -34.61 -5.66 0.51
CA LEU A 198 -33.58 -6.46 -0.17
C LEU A 198 -33.22 -7.69 0.64
N THR A 199 -33.32 -8.84 0.00
CA THR A 199 -33.08 -10.11 0.67
C THR A 199 -31.69 -10.66 0.38
N VAL A 200 -31.18 -11.46 1.30
CA VAL A 200 -29.93 -12.19 1.07
C VAL A 200 -30.18 -13.28 0.04
N PRO A 201 -29.28 -13.41 -0.95
CA PRO A 201 -29.42 -14.52 -1.92
C PRO A 201 -29.56 -15.86 -1.20
N PRO A 202 -30.65 -16.60 -1.49
CA PRO A 202 -30.96 -17.87 -0.81
C PRO A 202 -29.80 -18.86 -0.77
N VAL A 203 -28.98 -18.90 -1.82
CA VAL A 203 -27.86 -19.84 -1.85
C VAL A 203 -26.96 -19.67 -0.62
N LEU A 204 -26.80 -18.43 -0.15
CA LEU A 204 -25.95 -18.17 1.01
C LEU A 204 -26.58 -18.70 2.29
N MET A 205 -27.87 -19.00 2.25
CA MET A 205 -28.58 -19.54 3.40
C MET A 205 -28.67 -21.06 3.38
N SER A 206 -28.25 -21.65 2.26
CA SER A 206 -28.46 -23.06 1.99
C SER A 206 -27.55 -23.98 2.80
N GLY A 207 -26.35 -23.52 3.12
CA GLY A 207 -25.38 -24.35 3.82
C GLY A 207 -24.68 -25.31 2.88
N HIS A 208 -24.89 -25.12 1.59
CA HIS A 208 -24.20 -25.91 0.57
C HIS A 208 -22.88 -25.26 0.20
N HIS A 209 -21.81 -25.71 0.83
CA HIS A 209 -20.50 -25.08 0.70
C HIS A 209 -20.02 -24.96 -0.74
N GLU A 210 -20.26 -26.00 -1.54
CA GLU A 210 -19.80 -26.00 -2.92
C GLU A 210 -20.58 -25.01 -3.78
N GLU A 211 -21.90 -24.97 -3.59
CA GLU A 211 -22.73 -24.03 -4.33
C GLU A 211 -22.39 -22.60 -3.95
N ILE A 212 -22.11 -22.38 -2.67
CA ILE A 212 -21.73 -21.05 -2.18
C ILE A 212 -20.39 -20.62 -2.77
N ARG A 213 -19.42 -21.53 -2.79
CA ARG A 213 -18.11 -21.22 -3.38
C ARG A 213 -18.26 -20.79 -4.83
N LYS A 214 -19.04 -21.56 -5.59
CA LYS A 214 -19.21 -21.29 -7.02
C LYS A 214 -19.97 -19.99 -7.27
N TRP A 215 -20.98 -19.72 -6.44
CA TRP A 215 -21.72 -18.47 -6.54
C TRP A 215 -20.81 -17.26 -6.32
N ARG A 216 -19.99 -17.32 -5.27
CA ARG A 216 -19.08 -16.23 -4.97
C ARG A 216 -18.06 -16.01 -6.09
N LEU A 217 -17.53 -17.11 -6.62
CA LEU A 217 -16.58 -17.03 -7.72
C LEU A 217 -17.25 -16.44 -8.95
N LYS A 218 -18.45 -16.90 -9.26
CA LYS A 218 -19.20 -16.39 -10.40
C LYS A 218 -19.49 -14.89 -10.26
N GLN A 219 -19.86 -14.48 -9.05
CA GLN A 219 -20.09 -13.07 -8.76
C GLN A 219 -18.82 -12.24 -8.98
N SER A 220 -17.68 -12.76 -8.52
CA SER A 220 -16.41 -12.05 -8.71
C SER A 220 -16.08 -11.90 -10.18
N LEU A 221 -16.29 -12.96 -10.95
CA LEU A 221 -16.03 -12.92 -12.38
C LEU A 221 -16.94 -11.91 -13.07
N GLN A 222 -18.22 -11.91 -12.69
CA GLN A 222 -19.18 -10.99 -13.28
C GLN A 222 -18.87 -9.53 -12.96
N ARG A 223 -18.54 -9.27 -11.70
CA ARG A 223 -18.23 -7.91 -11.27
C ARG A 223 -16.92 -7.41 -11.89
N THR A 224 -15.94 -8.31 -12.03
CA THR A 224 -14.69 -7.93 -12.69
C THR A 224 -14.96 -7.60 -14.16
N TRP A 225 -15.75 -8.44 -14.80
CA TRP A 225 -16.11 -8.24 -16.20
C TRP A 225 -16.84 -6.91 -16.41
N LEU A 226 -17.82 -6.62 -15.57
CA LEU A 226 -18.62 -5.40 -15.72
C LEU A 226 -17.88 -4.12 -15.33
N ARG A 227 -17.07 -4.17 -14.28
CA ARG A 227 -16.44 -2.96 -13.76
C ARG A 227 -15.01 -2.76 -14.24
N ARG A 228 -14.27 -3.85 -14.39
CA ARG A 228 -12.85 -3.78 -14.68
C ARG A 228 -12.46 -4.83 -15.72
N PRO A 229 -13.02 -4.74 -16.93
CA PRO A 229 -12.82 -5.79 -17.92
C PRO A 229 -11.36 -5.96 -18.30
N GLU A 230 -10.56 -4.90 -18.16
CA GLU A 230 -9.14 -4.97 -18.51
C GLU A 230 -8.40 -5.93 -17.59
N LEU A 231 -8.91 -6.11 -16.37
CA LEU A 231 -8.28 -7.03 -15.42
C LEU A 231 -8.38 -8.49 -15.87
N LEU A 232 -9.42 -8.81 -16.64
CA LEU A 232 -9.62 -10.17 -17.11
C LEU A 232 -8.64 -10.56 -18.20
N GLU A 233 -8.29 -9.60 -19.06
CA GLU A 233 -7.37 -9.83 -20.16
C GLU A 233 -6.01 -10.32 -19.67
N GLY A 234 -5.66 -9.97 -18.42
CA GLY A 234 -4.38 -10.34 -17.86
C GLY A 234 -4.40 -11.64 -17.10
N LEU A 235 -5.51 -12.39 -17.22
CA LEU A 235 -5.66 -13.62 -16.46
C LEU A 235 -5.76 -14.84 -17.36
N ALA A 236 -5.24 -15.96 -16.87
CA ALA A 236 -5.44 -17.26 -17.48
C ALA A 236 -6.50 -18.00 -16.67
N LEU A 237 -7.75 -17.83 -17.06
CA LEU A 237 -8.86 -18.38 -16.31
C LEU A 237 -8.83 -19.90 -16.28
N THR A 238 -9.20 -20.49 -15.14
CA THR A 238 -9.35 -21.93 -15.05
C THR A 238 -10.56 -22.36 -15.88
N ASP A 239 -10.68 -23.66 -16.13
CA ASP A 239 -11.86 -24.19 -16.83
C ASP A 239 -13.13 -23.77 -16.09
N GLU A 240 -13.11 -23.88 -14.77
CA GLU A 240 -14.29 -23.53 -13.98
C GLU A 240 -14.61 -22.05 -14.11
N GLN A 241 -13.57 -21.22 -14.09
CA GLN A 241 -13.78 -19.78 -14.19
C GLN A 241 -14.31 -19.40 -15.57
N ARG A 242 -13.81 -20.07 -16.61
CA ARG A 242 -14.30 -19.81 -17.96
C ARG A 242 -15.79 -20.10 -18.05
N LYS A 243 -16.20 -21.22 -17.45
CA LYS A 243 -17.61 -21.62 -17.48
C LYS A 243 -18.51 -20.63 -16.74
N LEU A 244 -18.16 -20.31 -15.50
CA LEU A 244 -18.95 -19.41 -14.68
C LEU A 244 -19.02 -18.01 -15.29
N LEU A 245 -17.92 -17.55 -15.88
CA LEU A 245 -17.91 -16.25 -16.56
C LEU A 245 -18.85 -16.27 -17.76
N LYS A 246 -18.79 -17.35 -18.54
CA LYS A 246 -19.71 -17.52 -19.66
C LYS A 246 -21.17 -17.51 -19.17
N GLU A 247 -21.44 -18.20 -18.07
CA GLU A 247 -22.79 -18.23 -17.51
C GLU A 247 -23.25 -16.83 -17.08
N ALA A 248 -22.37 -16.11 -16.41
CA ALA A 248 -22.70 -14.76 -15.93
C ALA A 248 -22.98 -13.83 -17.11
N GLN A 249 -22.16 -13.93 -18.15
CA GLN A 249 -22.34 -13.11 -19.34
C GLN A 249 -23.63 -13.47 -20.07
N ALA A 250 -23.97 -14.76 -20.09
CA ALA A 250 -25.21 -15.20 -20.70
C ALA A 250 -26.44 -14.68 -19.96
N GLU A 251 -26.38 -14.72 -18.64
CA GLU A 251 -27.47 -14.21 -17.81
C GLU A 251 -27.59 -12.71 -17.92
N HIS A 252 -26.46 -12.03 -18.03
CA HIS A 252 -26.44 -10.59 -18.21
C HIS A 252 -27.08 -10.22 -19.54
N ASN A 253 -26.88 -11.07 -20.55
CA ASN A 253 -27.44 -10.85 -21.87
C ASN A 253 -28.83 -11.47 -22.01
N SER A 254 -29.42 -11.84 -20.89
CA SER A 254 -30.77 -12.43 -20.89
C SER A 254 -31.82 -11.40 -20.47
#